data_9VOH
#
_entry.id   9VOH
#
_cell.length_a   156.250
_cell.length_b   41.420
_cell.length_c   42.240
_cell.angle_alpha   90.000
_cell.angle_beta   96.490
_cell.angle_gamma   90.000
#
_symmetry.space_group_name_H-M   'C 1 2 1'
#
loop_
_entity.id
_entity.type
_entity.pdbx_description
1 polymer 'Vitamin D3 receptor'
2 polymer 'Mediator of RNA polymerase II transcription subunit 1'
3 non-polymer '[4-{7-(4-(1,1,1,3,3,3-hexafluoro-2-hydroxypropan-2-yl)phenyl)-1,7-dicarba- closo-dodecaboran-1-yl}phenoxy]acetic acid'
4 water water
#
loop_
_entity_poly.entity_id
_entity_poly.type
_entity_poly.pdbx_seq_one_letter_code
_entity_poly.pdbx_strand_id
1 'polypeptide(L)'
;GSHMGSPNSPLKDSLRPKLSEEQQHIIAILLDAHHKTYDPTYADFRDFRPPVRMDGSTGSVTLDLSPLSMLPHLADLVSY
SIQKVIGFAKMIPGFRDLTSDDQIVLLKSSAIEVIMLRSNQSFTMDDMSWDCGSQDYKYDVTDVSKAGHTLELIEPLIKF
QVGLKKLNLHEEEHVLLMAICIVSPDRPGVQDAKLVEAIQDRLSNTLQTYIRCRHPPPGSHQLYAKMIQKLADLRSLNEE
HSKQYRSLSFQPENSMKLTPLVLEVFGNEIS
;
A
2 'polypeptide(L)' KNHPMLMNLLKDN C
#
loop_
_chem_comp.id
_chem_comp.type
_chem_comp.name
_chem_comp.formula
A1MAW non-polymer '[4-{7-(4-(1,1,1,3,3,3-hexafluoro-2-hydroxypropan-2-yl)phenyl)-1,7-dicarba- closo-dodecaboran-1-yl}phenoxy]acetic acid' 'C19 H22 B10 F6 O4'
#
# COMPACT_ATOMS: atom_id res chain seq x y z
N LYS A 18 20.26 -21.65 4.35
CA LYS A 18 19.67 -21.41 3.03
C LYS A 18 19.56 -19.92 2.75
N LEU A 19 19.34 -19.14 3.81
CA LEU A 19 19.26 -17.69 3.71
C LEU A 19 20.65 -17.13 3.45
N SER A 20 20.95 -16.84 2.18
CA SER A 20 22.24 -16.28 1.83
C SER A 20 22.41 -14.89 2.44
N GLU A 21 23.65 -14.39 2.40
CA GLU A 21 23.92 -13.06 2.94
C GLU A 21 23.31 -11.97 2.08
N GLU A 22 23.20 -12.19 0.77
CA GLU A 22 22.48 -11.24 -0.07
C GLU A 22 21.01 -11.17 0.31
N GLN A 23 20.40 -12.31 0.61
CA GLN A 23 19.00 -12.33 1.01
C GLN A 23 18.82 -11.67 2.37
N GLN A 24 19.76 -11.88 3.30
CA GLN A 24 19.73 -11.14 4.55
C GLN A 24 19.96 -9.65 4.33
N HIS A 25 20.76 -9.29 3.32
CA HIS A 25 20.96 -7.88 2.99
C HIS A 25 19.66 -7.24 2.53
N ILE A 26 18.89 -7.95 1.70
CA ILE A 26 17.65 -7.40 1.17
C ILE A 26 16.65 -7.15 2.28
N ILE A 27 16.57 -8.07 3.25
CA ILE A 27 15.63 -7.90 4.36
C ILE A 27 16.02 -6.71 5.21
N ALA A 28 17.32 -6.52 5.47
CA ALA A 28 17.75 -5.39 6.29
C ALA A 28 17.39 -4.06 5.63
N ILE A 29 17.53 -3.98 4.31
CA ILE A 29 17.23 -2.73 3.60
C ILE A 29 15.73 -2.44 3.64
N LEU A 30 14.91 -3.48 3.41
CA LEU A 30 13.46 -3.28 3.38
C LEU A 30 12.93 -2.93 4.77
N LEU A 31 13.51 -3.54 5.81
N LEU A 31 13.51 -3.52 5.82
CA LEU A 31 13.14 -3.17 7.18
CA LEU A 31 13.12 -3.16 7.17
C LEU A 31 13.47 -1.72 7.46
C LEU A 31 13.46 -1.70 7.47
N ASP A 32 14.65 -1.27 7.04
CA ASP A 32 15.05 0.12 7.27
C ASP A 32 14.20 1.07 6.44
N ALA A 33 13.92 0.71 5.19
CA ALA A 33 13.10 1.56 4.33
C ALA A 33 11.70 1.76 4.90
N HIS A 34 11.11 0.70 5.47
CA HIS A 34 9.79 0.84 6.08
C HIS A 34 9.84 1.73 7.31
N HIS A 35 10.91 1.62 8.10
CA HIS A 35 10.99 2.42 9.32
C HIS A 35 11.24 3.89 9.02
N LYS A 36 11.85 4.19 7.87
CA LYS A 36 12.06 5.58 7.48
C LYS A 36 10.84 6.19 6.79
N THR A 37 9.84 5.39 6.44
CA THR A 37 8.67 5.88 5.74
C THR A 37 7.35 5.61 6.45
N TYR A 38 7.37 5.00 7.64
CA TYR A 38 6.16 4.76 8.41
C TYR A 38 6.37 5.30 9.82
N ASP A 39 5.69 6.41 10.12
CA ASP A 39 5.78 7.04 11.44
C ASP A 39 4.72 6.43 12.34
N PRO A 40 5.10 5.61 13.33
CA PRO A 40 4.09 5.01 14.21
C PRO A 40 3.49 5.98 15.23
N THR A 41 3.96 7.23 15.27
CA THR A 41 3.34 8.24 16.11
C THR A 41 2.21 8.97 15.40
N TYR A 42 2.16 8.91 14.06
CA TYR A 42 1.15 9.58 13.26
C TYR A 42 1.13 11.08 13.54
N ALA A 43 2.31 11.65 13.82
CA ALA A 43 2.38 13.05 14.21
C ALA A 43 1.86 13.97 13.10
N ASP A 44 2.25 13.69 11.84
CA ASP A 44 1.94 14.60 10.74
C ASP A 44 0.45 14.73 10.47
N PHE A 45 -0.40 13.91 11.10
CA PHE A 45 -1.83 13.95 10.81
C PHE A 45 -2.47 15.28 11.20
N ARG A 46 -1.80 16.08 12.03
CA ARG A 46 -2.37 17.37 12.42
C ARG A 46 -2.33 18.38 11.28
N ASP A 47 -1.46 18.17 10.29
CA ASP A 47 -1.37 19.08 9.15
C ASP A 47 -2.51 18.91 8.16
N PHE A 48 -3.28 17.83 8.26
CA PHE A 48 -4.36 17.59 7.30
C PHE A 48 -5.54 18.52 7.57
N ARG A 49 -6.39 18.65 6.58
CA ARG A 49 -7.70 19.26 6.82
C ARG A 49 -8.44 18.44 7.87
N PRO A 50 -9.14 19.09 8.80
CA PRO A 50 -9.64 18.37 9.97
C PRO A 50 -10.76 17.41 9.59
N PRO A 51 -10.93 16.32 10.33
CA PRO A 51 -12.05 15.41 10.07
C PRO A 51 -13.35 15.93 10.66
N VAL A 52 -14.43 15.76 9.92
CA VAL A 52 -15.77 16.17 10.35
C VAL A 52 -16.68 14.95 10.28
N ARG A 53 -17.29 14.61 11.41
CA ARG A 53 -18.20 13.48 11.48
C ARG A 53 -19.57 13.90 12.01
N PRO A 67 -23.09 15.65 2.64
CA PRO A 67 -22.32 14.48 2.99
C PRO A 67 -20.85 14.59 2.58
N LEU A 68 -20.15 13.46 2.57
CA LEU A 68 -18.74 13.42 2.21
C LEU A 68 -17.92 14.34 3.10
N SER A 69 -18.34 14.47 4.36
CA SER A 69 -17.64 15.33 5.32
C SER A 69 -16.22 14.85 5.61
N MET A 70 -15.95 13.56 5.42
CA MET A 70 -14.63 13.00 5.66
C MET A 70 -13.73 13.03 4.43
N LEU A 71 -14.25 13.46 3.28
CA LEU A 71 -13.45 13.44 2.06
C LEU A 71 -12.23 14.35 2.15
N PRO A 72 -12.31 15.59 2.64
CA PRO A 72 -11.08 16.40 2.73
C PRO A 72 -9.99 15.77 3.58
N HIS A 73 -10.33 15.26 4.78
CA HIS A 73 -9.33 14.69 5.66
C HIS A 73 -8.73 13.42 5.06
N LEU A 74 -9.59 12.51 4.58
CA LEU A 74 -9.08 11.23 4.07
C LEU A 74 -8.36 11.41 2.73
N ALA A 75 -8.73 12.42 1.95
CA ALA A 75 -7.97 12.72 0.74
C ALA A 75 -6.57 13.23 1.09
N ASP A 76 -6.47 14.06 2.12
CA ASP A 76 -5.16 14.49 2.59
C ASP A 76 -4.35 13.32 3.13
N LEU A 77 -5.02 12.35 3.77
CA LEU A 77 -4.33 11.18 4.29
C LEU A 77 -3.74 10.33 3.17
N VAL A 78 -4.54 10.08 2.13
CA VAL A 78 -4.07 9.26 1.02
C VAL A 78 -2.91 9.95 0.29
N SER A 79 -3.03 11.26 0.07
CA SER A 79 -1.96 12.00 -0.59
C SER A 79 -0.67 11.95 0.21
N TYR A 80 -0.77 12.08 1.53
CA TYR A 80 0.39 11.92 2.40
C TYR A 80 1.01 10.54 2.25
N SER A 81 0.17 9.50 2.24
CA SER A 81 0.68 8.13 2.19
C SER A 81 1.28 7.79 0.83
N ILE A 82 0.78 8.40 -0.25
CA ILE A 82 1.40 8.19 -1.55
C ILE A 82 2.86 8.60 -1.52
N GLN A 83 3.17 9.73 -0.89
CA GLN A 83 4.55 10.18 -0.79
C GLN A 83 5.40 9.20 0.00
N LYS A 84 4.83 8.58 1.04
CA LYS A 84 5.57 7.58 1.81
C LYS A 84 5.79 6.32 0.99
N VAL A 85 4.79 5.91 0.20
CA VAL A 85 4.92 4.73 -0.65
C VAL A 85 6.03 4.94 -1.68
N ILE A 86 6.14 6.16 -2.20
CA ILE A 86 7.20 6.47 -3.16
C ILE A 86 8.57 6.37 -2.49
N GLY A 87 8.68 6.88 -1.27
CA GLY A 87 9.95 6.80 -0.56
C GLY A 87 10.37 5.36 -0.29
N PHE A 88 9.41 4.52 0.10
CA PHE A 88 9.70 3.10 0.31
C PHE A 88 10.17 2.43 -0.98
N ALA A 89 9.45 2.66 -2.08
CA ALA A 89 9.75 1.98 -3.33
C ALA A 89 11.15 2.30 -3.83
N LYS A 90 11.60 3.55 -3.62
CA LYS A 90 12.92 3.95 -4.08
C LYS A 90 14.04 3.15 -3.42
N MET A 91 13.79 2.56 -2.26
CA MET A 91 14.81 1.80 -1.54
C MET A 91 14.74 0.30 -1.81
N ILE A 92 13.80 -0.16 -2.62
CA ILE A 92 13.74 -1.59 -2.94
C ILE A 92 14.92 -1.95 -3.84
N PRO A 93 15.71 -2.98 -3.49
CA PRO A 93 16.84 -3.38 -4.35
C PRO A 93 16.42 -3.68 -5.78
N GLY A 94 17.01 -2.98 -6.74
CA GLY A 94 16.72 -3.16 -8.15
C GLY A 94 15.73 -2.17 -8.73
N PHE A 95 14.93 -1.51 -7.88
CA PHE A 95 13.86 -0.65 -8.40
C PHE A 95 14.40 0.49 -9.25
N ARG A 96 15.51 1.10 -8.84
CA ARG A 96 16.07 2.22 -9.59
C ARG A 96 16.94 1.78 -10.76
N ASP A 97 16.94 0.48 -11.10
CA ASP A 97 17.48 0.03 -12.36
C ASP A 97 16.45 0.07 -13.48
N LEU A 98 15.20 0.34 -13.15
CA LEU A 98 14.13 0.49 -14.14
C LEU A 98 14.13 1.91 -14.71
N THR A 99 13.49 2.06 -15.88
CA THR A 99 13.30 3.37 -16.44
C THR A 99 12.27 4.15 -15.63
N SER A 100 12.30 5.48 -15.78
CA SER A 100 11.34 6.32 -15.07
C SER A 100 9.92 6.03 -15.50
N ASP A 101 9.71 5.65 -16.76
CA ASP A 101 8.39 5.25 -17.22
C ASP A 101 7.90 4.01 -16.48
N ASP A 102 8.80 3.05 -16.25
CA ASP A 102 8.39 1.83 -15.56
C ASP A 102 8.19 2.07 -14.07
N GLN A 103 9.01 2.91 -13.45
CA GLN A 103 8.80 3.26 -12.06
C GLN A 103 7.47 3.97 -11.86
N ILE A 104 7.09 4.84 -12.82
CA ILE A 104 5.84 5.58 -12.69
C ILE A 104 4.64 4.65 -12.80
N VAL A 105 4.66 3.73 -13.76
CA VAL A 105 3.49 2.87 -13.97
C VAL A 105 3.36 1.86 -12.84
N LEU A 106 4.47 1.40 -12.26
CA LEU A 106 4.38 0.48 -11.13
C LEU A 106 3.80 1.17 -9.90
N LEU A 107 4.18 2.43 -9.68
CA LEU A 107 3.68 3.16 -8.51
C LEU A 107 2.24 3.61 -8.71
N LYS A 108 1.89 4.05 -9.92
CA LYS A 108 0.50 4.42 -10.21
C LYS A 108 -0.44 3.24 -9.96
N SER A 109 -0.05 2.05 -10.40
CA SER A 109 -0.92 0.88 -10.31
C SER A 109 -0.99 0.33 -8.88
N SER A 110 0.11 0.39 -8.14
CA SER A 110 0.20 -0.26 -6.83
C SER A 110 -0.12 0.67 -5.67
N ALA A 111 -0.21 1.98 -5.90
CA ALA A 111 -0.28 2.95 -4.81
C ALA A 111 -1.39 2.60 -3.80
N ILE A 112 -2.61 2.41 -4.29
CA ILE A 112 -3.72 2.17 -3.37
C ILE A 112 -3.60 0.80 -2.70
N GLU A 113 -2.99 -0.17 -3.39
CA GLU A 113 -2.81 -1.50 -2.78
C GLU A 113 -1.82 -1.43 -1.62
N VAL A 114 -0.69 -0.73 -1.83
CA VAL A 114 0.31 -0.62 -0.76
C VAL A 114 -0.22 0.19 0.40
N ILE A 115 -1.06 1.20 0.14
CA ILE A 115 -1.65 1.98 1.22
C ILE A 115 -2.58 1.11 2.06
N MET A 116 -3.42 0.30 1.40
CA MET A 116 -4.29 -0.62 2.12
C MET A 116 -3.47 -1.65 2.90
N LEU A 117 -2.37 -2.13 2.32
CA LEU A 117 -1.51 -3.09 3.01
C LEU A 117 -0.80 -2.44 4.19
N ARG A 118 -0.28 -1.22 4.00
CA ARG A 118 0.42 -0.54 5.08
C ARG A 118 -0.51 -0.25 6.26
N SER A 119 -1.77 0.10 5.98
CA SER A 119 -2.73 0.45 7.02
C SER A 119 -3.08 -0.72 7.93
N ASN A 120 -2.69 -1.95 7.58
CA ASN A 120 -2.88 -3.07 8.49
C ASN A 120 -2.15 -2.87 9.80
N GLN A 121 -1.10 -2.04 9.81
CA GLN A 121 -0.35 -1.77 11.04
C GLN A 121 -1.19 -0.97 12.04
N SER A 122 -2.10 -0.12 11.55
CA SER A 122 -2.98 0.65 12.43
C SER A 122 -4.33 -0.03 12.66
N PHE A 123 -4.73 -0.95 11.79
CA PHE A 123 -6.00 -1.65 11.97
C PHE A 123 -5.99 -2.45 13.27
N THR A 124 -7.12 -2.45 13.97
CA THR A 124 -7.25 -3.18 15.23
C THR A 124 -8.49 -4.06 15.20
N MET A 125 -8.34 -5.28 15.72
CA MET A 125 -9.48 -6.21 15.73
C MET A 125 -10.49 -5.83 16.81
N ASP A 126 -10.06 -5.12 17.85
CA ASP A 126 -10.94 -4.81 18.97
C ASP A 126 -12.24 -4.17 18.51
N ASP A 127 -12.18 -3.32 17.48
CA ASP A 127 -13.40 -2.68 16.97
C ASP A 127 -13.40 -2.50 15.46
N MET A 128 -12.52 -3.20 14.74
CA MET A 128 -12.49 -3.18 13.27
C MET A 128 -12.33 -1.76 12.73
N SER A 129 -11.33 -1.05 13.25
CA SER A 129 -11.07 0.32 12.85
C SER A 129 -9.57 0.52 12.68
N TRP A 130 -9.21 1.63 12.05
CA TRP A 130 -7.81 2.04 11.89
C TRP A 130 -7.52 3.08 12.98
N ASP A 131 -6.80 2.65 14.01
CA ASP A 131 -6.50 3.50 15.16
C ASP A 131 -5.15 4.17 14.94
N CYS A 132 -5.15 5.48 14.74
CA CYS A 132 -3.94 6.23 14.42
C CYS A 132 -3.60 7.26 15.50
N GLY A 133 -3.68 6.85 16.77
CA GLY A 133 -3.11 7.60 17.88
C GLY A 133 -4.13 8.28 18.77
N SER A 134 -5.29 8.66 18.23
CA SER A 134 -6.26 9.41 19.02
C SER A 134 -7.65 9.18 18.45
N GLN A 135 -8.65 9.70 19.18
CA GLN A 135 -10.04 9.56 18.75
C GLN A 135 -10.30 10.31 17.46
N ASP A 136 -9.69 11.49 17.29
CA ASP A 136 -9.84 12.24 16.05
C ASP A 136 -9.36 11.45 14.85
N TYR A 137 -8.33 10.61 15.03
CA TYR A 137 -7.72 9.85 13.95
C TYR A 137 -7.96 8.35 14.12
N LYS A 138 -9.17 7.99 14.54
CA LYS A 138 -9.67 6.62 14.48
C LYS A 138 -10.75 6.56 13.40
N TYR A 139 -10.55 5.70 12.41
CA TYR A 139 -11.43 5.62 11.25
C TYR A 139 -12.14 4.27 11.24
N ASP A 140 -13.47 4.31 11.28
CA ASP A 140 -14.31 3.12 11.16
C ASP A 140 -14.95 3.08 9.78
N VAL A 141 -15.82 2.09 9.56
CA VAL A 141 -16.42 1.91 8.24
C VAL A 141 -17.28 3.10 7.86
N THR A 142 -17.90 3.76 8.84
CA THR A 142 -18.76 4.91 8.53
C THR A 142 -17.93 6.11 8.06
N ASP A 143 -16.72 6.27 8.59
CA ASP A 143 -15.84 7.33 8.11
C ASP A 143 -15.48 7.14 6.64
N VAL A 144 -15.17 5.91 6.25
CA VAL A 144 -14.82 5.64 4.85
C VAL A 144 -16.01 5.92 3.95
N SER A 145 -17.22 5.63 4.42
CA SER A 145 -18.40 5.92 3.61
C SER A 145 -18.69 7.40 3.55
N LYS A 146 -18.30 8.16 4.59
CA LYS A 146 -18.38 9.62 4.55
C LYS A 146 -17.28 10.25 3.72
N ALA A 147 -16.57 9.46 2.92
CA ALA A 147 -15.65 9.96 1.91
C ALA A 147 -16.11 9.64 0.50
N GLY A 148 -17.23 8.94 0.35
CA GLY A 148 -17.80 8.64 -0.95
C GLY A 148 -17.78 7.19 -1.38
N HIS A 149 -17.32 6.27 -0.53
CA HIS A 149 -17.19 4.87 -0.89
C HIS A 149 -18.30 4.04 -0.27
N THR A 150 -18.60 2.92 -0.92
CA THR A 150 -19.75 2.08 -0.60
C THR A 150 -19.28 0.73 -0.05
N LEU A 151 -20.26 -0.07 0.39
CA LEU A 151 -19.96 -1.39 0.93
C LEU A 151 -19.35 -2.32 -0.11
N GLU A 152 -19.53 -2.04 -1.40
CA GLU A 152 -18.89 -2.82 -2.44
C GLU A 152 -17.39 -2.90 -2.24
N LEU A 153 -16.79 -1.82 -1.73
CA LEU A 153 -15.38 -1.77 -1.39
C LEU A 153 -15.13 -2.04 0.09
N ILE A 154 -15.95 -1.48 0.97
CA ILE A 154 -15.65 -1.51 2.40
C ILE A 154 -15.75 -2.93 2.95
N GLU A 155 -16.70 -3.73 2.46
CA GLU A 155 -16.83 -5.09 2.96
C GLU A 155 -15.65 -5.96 2.60
N PRO A 156 -15.22 -6.06 1.33
CA PRO A 156 -13.99 -6.82 1.05
C PRO A 156 -12.76 -6.22 1.70
N LEU A 157 -12.73 -4.91 1.89
CA LEU A 157 -11.58 -4.26 2.53
C LEU A 157 -11.42 -4.74 3.97
N ILE A 158 -12.52 -4.76 4.73
CA ILE A 158 -12.44 -5.20 6.13
C ILE A 158 -12.06 -6.67 6.20
N LYS A 159 -12.63 -7.49 5.32
CA LYS A 159 -12.26 -8.91 5.29
C LYS A 159 -10.80 -9.09 4.92
N PHE A 160 -10.24 -8.20 4.10
CA PHE A 160 -8.81 -8.24 3.80
C PHE A 160 -7.99 -7.95 5.05
N GLN A 161 -8.38 -6.90 5.79
CA GLN A 161 -7.62 -6.53 6.99
C GLN A 161 -7.67 -7.63 8.03
N VAL A 162 -8.82 -8.28 8.19
CA VAL A 162 -8.95 -9.35 9.17
C VAL A 162 -8.10 -10.54 8.77
N GLY A 163 -8.19 -10.97 7.51
CA GLY A 163 -7.43 -12.13 7.07
C GLY A 163 -5.94 -11.91 7.13
N LEU A 164 -5.50 -10.69 6.84
CA LEU A 164 -4.07 -10.38 6.94
C LEU A 164 -3.61 -10.41 8.40
N LYS A 165 -4.43 -9.88 9.31
CA LYS A 165 -4.09 -9.95 10.73
C LYS A 165 -3.96 -11.41 11.19
N LYS A 166 -4.86 -12.28 10.71
CA LYS A 166 -4.80 -13.68 11.08
C LYS A 166 -3.54 -14.37 10.59
N LEU A 167 -2.83 -13.78 9.62
CA LEU A 167 -1.59 -14.38 9.15
C LEU A 167 -0.45 -14.20 10.16
N ASN A 168 -0.54 -13.19 11.02
CA ASN A 168 0.48 -12.92 12.04
C ASN A 168 1.87 -12.85 11.40
N LEU A 169 1.99 -12.03 10.37
CA LEU A 169 3.24 -11.92 9.64
C LEU A 169 4.35 -11.36 10.53
N HIS A 170 5.56 -11.86 10.32
CA HIS A 170 6.74 -11.15 10.81
C HIS A 170 6.84 -9.83 10.07
N GLU A 171 7.45 -8.83 10.72
CA GLU A 171 7.70 -7.58 10.01
C GLU A 171 8.56 -7.81 8.79
N GLU A 172 9.47 -8.81 8.84
CA GLU A 172 10.25 -9.17 7.67
C GLU A 172 9.36 -9.58 6.50
N GLU A 173 8.31 -10.36 6.79
CA GLU A 173 7.38 -10.78 5.75
C GLU A 173 6.46 -9.64 5.31
N HIS A 174 6.07 -8.77 6.24
CA HIS A 174 5.22 -7.63 5.90
C HIS A 174 5.89 -6.71 4.90
N VAL A 175 7.18 -6.42 5.09
CA VAL A 175 7.85 -5.48 4.20
C VAL A 175 8.22 -6.14 2.87
N LEU A 176 8.46 -7.45 2.87
CA LEU A 176 8.70 -8.15 1.61
C LEU A 176 7.43 -8.16 0.76
N LEU A 177 6.26 -8.34 1.39
CA LEU A 177 5.01 -8.33 0.63
C LEU A 177 4.75 -6.97 0.01
N MET A 178 5.11 -5.89 0.72
CA MET A 178 4.97 -4.56 0.15
C MET A 178 5.82 -4.39 -1.10
N ALA A 179 7.05 -4.90 -1.07
CA ALA A 179 7.94 -4.76 -2.21
C ALA A 179 7.50 -5.63 -3.38
N ILE A 180 7.06 -6.86 -3.10
CA ILE A 180 6.58 -7.75 -4.16
C ILE A 180 5.34 -7.16 -4.81
N CYS A 181 4.47 -6.51 -4.02
CA CYS A 181 3.27 -5.91 -4.57
C CYS A 181 3.60 -4.80 -5.56
N ILE A 182 4.60 -3.98 -5.23
CA ILE A 182 4.95 -2.85 -6.11
C ILE A 182 5.54 -3.35 -7.42
N VAL A 183 6.52 -4.27 -7.34
CA VAL A 183 7.27 -4.72 -8.49
C VAL A 183 6.64 -5.97 -9.09
N SER A 184 5.50 -5.81 -9.77
CA SER A 184 4.84 -6.93 -10.42
C SER A 184 4.84 -6.75 -11.93
N PRO A 185 5.23 -7.77 -12.69
CA PRO A 185 5.41 -7.58 -14.14
C PRO A 185 4.12 -7.41 -14.92
N ASP A 186 2.98 -7.81 -14.35
CA ASP A 186 1.73 -7.77 -15.09
C ASP A 186 0.94 -6.48 -14.90
N ARG A 187 1.56 -5.45 -14.33
CA ARG A 187 0.89 -4.17 -14.22
C ARG A 187 0.64 -3.59 -15.61
N PRO A 188 -0.47 -2.89 -15.82
CA PRO A 188 -0.75 -2.34 -17.15
C PRO A 188 0.17 -1.18 -17.47
N GLY A 189 0.76 -1.21 -18.67
CA GLY A 189 1.70 -0.19 -19.09
C GLY A 189 3.15 -0.53 -18.89
N VAL A 190 3.46 -1.66 -18.25
CA VAL A 190 4.85 -2.06 -18.07
C VAL A 190 5.49 -2.33 -19.42
N GLN A 191 6.73 -1.85 -19.58
CA GLN A 191 7.50 -2.00 -20.84
C GLN A 191 8.57 -3.10 -20.69
N ASP A 192 9.42 -3.03 -19.67
CA ASP A 192 10.46 -4.03 -19.46
C ASP A 192 9.99 -5.02 -18.39
N ALA A 193 8.98 -5.82 -18.78
CA ALA A 193 8.39 -6.78 -17.85
C ALA A 193 9.41 -7.83 -17.41
N LYS A 194 10.34 -8.13 -18.32
CA LYS A 194 11.43 -9.10 -18.06
C LYS A 194 12.30 -8.61 -16.90
N LEU A 195 12.63 -7.32 -16.86
CA LEU A 195 13.40 -6.74 -15.78
C LEU A 195 12.58 -6.63 -14.50
N VAL A 196 11.31 -6.23 -14.62
CA VAL A 196 10.42 -6.24 -13.47
C VAL A 196 10.28 -7.64 -12.91
N GLU A 197 10.15 -8.65 -13.78
CA GLU A 197 10.03 -10.03 -13.32
C GLU A 197 11.30 -10.49 -12.62
N ALA A 198 12.46 -10.09 -13.13
CA ALA A 198 13.72 -10.48 -12.50
C ALA A 198 13.85 -9.89 -11.10
N ILE A 199 13.46 -8.62 -10.93
CA ILE A 199 13.52 -7.99 -9.62
C ILE A 199 12.54 -8.64 -8.66
N GLN A 200 11.33 -8.97 -9.14
CA GLN A 200 10.36 -9.63 -8.28
C GLN A 200 10.83 -11.02 -7.86
N ASP A 201 11.41 -11.78 -8.81
CA ASP A 201 11.86 -13.12 -8.50
C ASP A 201 12.89 -13.12 -7.38
N ARG A 202 13.81 -12.16 -7.40
CA ARG A 202 14.80 -12.05 -6.33
C ARG A 202 14.15 -11.77 -4.99
N LEU A 203 13.05 -11.01 -4.99
CA LEU A 203 12.32 -10.74 -3.75
C LEU A 203 11.49 -11.93 -3.32
N SER A 204 10.85 -12.61 -4.28
CA SER A 204 10.03 -13.77 -3.94
C SER A 204 10.88 -14.91 -3.38
N ASN A 205 12.07 -15.12 -3.96
CA ASN A 205 12.94 -16.17 -3.44
C ASN A 205 13.45 -15.82 -2.05
N THR A 206 13.67 -14.54 -1.77
CA THR A 206 14.01 -14.11 -0.41
C THR A 206 12.89 -14.43 0.56
N LEU A 207 11.63 -14.19 0.15
CA LEU A 207 10.50 -14.42 1.02
C LEU A 207 10.28 -15.91 1.26
N GLN A 208 10.29 -16.71 0.20
CA GLN A 208 10.09 -18.16 0.34
C GLN A 208 11.17 -18.77 1.23
N THR A 209 12.43 -18.37 1.02
CA THR A 209 13.50 -18.90 1.85
C THR A 209 13.41 -18.39 3.28
N TYR A 210 12.95 -17.16 3.48
CA TYR A 210 12.78 -16.65 4.84
C TYR A 210 11.75 -17.47 5.61
N ILE A 211 10.59 -17.72 4.98
CA ILE A 211 9.56 -18.54 5.61
C ILE A 211 10.12 -19.92 5.96
N ARG A 212 10.92 -20.49 5.05
CA ARG A 212 11.43 -21.84 5.24
C ARG A 212 12.30 -21.94 6.49
N CYS A 213 13.24 -21.00 6.66
CA CYS A 213 14.25 -21.11 7.70
C CYS A 213 13.93 -20.34 8.97
N ARG A 214 13.03 -19.36 8.94
CA ARG A 214 12.80 -18.50 10.10
C ARG A 214 11.39 -18.49 10.63
N HIS A 215 10.41 -19.02 9.90
CA HIS A 215 9.04 -19.05 10.40
C HIS A 215 8.69 -20.48 10.82
N PRO A 216 8.53 -20.74 12.12
CA PRO A 216 8.30 -22.11 12.59
C PRO A 216 6.90 -22.58 12.26
N PRO A 217 6.69 -23.88 12.13
CA PRO A 217 5.32 -24.41 12.04
C PRO A 217 4.61 -24.30 13.38
N PRO A 218 3.27 -24.26 13.39
CA PRO A 218 2.34 -24.39 12.26
C PRO A 218 2.01 -23.09 11.52
N GLY A 219 2.45 -21.94 12.00
CA GLY A 219 2.22 -20.69 11.30
C GLY A 219 2.80 -20.66 9.90
N SER A 220 3.82 -21.48 9.63
CA SER A 220 4.47 -21.53 8.34
C SER A 220 3.59 -22.15 7.25
N HIS A 221 2.56 -22.90 7.62
CA HIS A 221 1.83 -23.75 6.69
C HIS A 221 1.23 -23.00 5.51
N GLN A 222 1.79 -23.24 4.31
CA GLN A 222 1.35 -22.62 3.06
C GLN A 222 1.32 -21.10 3.18
N LEU A 223 2.25 -20.53 3.96
CA LEU A 223 2.23 -19.10 4.21
C LEU A 223 2.50 -18.30 2.93
N TYR A 224 3.41 -18.80 2.08
CA TYR A 224 3.71 -18.07 0.85
C TYR A 224 2.48 -18.03 -0.07
N ALA A 225 1.77 -19.15 -0.20
CA ALA A 225 0.56 -19.17 -1.01
C ALA A 225 -0.51 -18.28 -0.42
N LYS A 226 -0.64 -18.27 0.91
CA LYS A 226 -1.60 -17.39 1.55
C LYS A 226 -1.25 -15.92 1.33
N MET A 227 0.04 -15.59 1.26
CA MET A 227 0.44 -14.20 1.06
C MET A 227 0.19 -13.75 -0.36
N ILE A 228 0.38 -14.65 -1.34
CA ILE A 228 0.10 -14.28 -2.73
C ILE A 228 -1.40 -14.17 -2.94
N GLN A 229 -2.20 -14.92 -2.18
CA GLN A 229 -3.65 -14.74 -2.24
C GLN A 229 -4.06 -13.35 -1.77
N LYS A 230 -3.34 -12.78 -0.79
CA LYS A 230 -3.62 -11.43 -0.36
C LYS A 230 -3.30 -10.41 -1.45
N LEU A 231 -2.25 -10.67 -2.23
CA LEU A 231 -1.96 -9.81 -3.38
C LEU A 231 -3.10 -9.88 -4.39
N ALA A 232 -3.67 -11.07 -4.59
CA ALA A 232 -4.83 -11.20 -5.46
C ALA A 232 -6.03 -10.46 -4.90
N ASP A 233 -6.20 -10.51 -3.56
CA ASP A 233 -7.26 -9.73 -2.93
C ASP A 233 -7.06 -8.23 -3.16
N LEU A 234 -5.80 -7.78 -3.15
CA LEU A 234 -5.52 -6.36 -3.35
C LEU A 234 -5.81 -5.92 -4.78
N ARG A 235 -5.58 -6.80 -5.76
CA ARG A 235 -5.91 -6.46 -7.14
C ARG A 235 -7.40 -6.22 -7.31
N SER A 236 -8.22 -7.05 -6.65
CA SER A 236 -9.66 -6.88 -6.72
C SER A 236 -10.10 -5.60 -6.01
N LEU A 237 -9.51 -5.31 -4.86
CA LEU A 237 -9.79 -4.06 -4.16
C LEU A 237 -9.37 -2.86 -5.00
N ASN A 238 -8.23 -2.98 -5.69
CA ASN A 238 -7.78 -1.92 -6.60
C ASN A 238 -8.84 -1.64 -7.65
N GLU A 239 -9.43 -2.71 -8.22
CA GLU A 239 -10.41 -2.56 -9.28
C GLU A 239 -11.66 -1.85 -8.78
N GLU A 240 -12.15 -2.22 -7.59
CA GLU A 240 -13.35 -1.59 -7.06
C GLU A 240 -13.08 -0.15 -6.67
N HIS A 241 -11.90 0.14 -6.13
CA HIS A 241 -11.56 1.52 -5.77
C HIS A 241 -11.54 2.41 -7.00
N SER A 242 -10.92 1.93 -8.07
CA SER A 242 -10.84 2.73 -9.29
C SER A 242 -12.24 3.02 -9.84
N LYS A 243 -13.13 2.04 -9.78
CA LYS A 243 -14.52 2.26 -10.20
C LYS A 243 -15.16 3.36 -9.39
N GLN A 244 -15.07 3.27 -8.06
CA GLN A 244 -15.72 4.25 -7.20
C GLN A 244 -15.01 5.60 -7.24
N TYR A 245 -13.69 5.60 -7.47
CA TYR A 245 -12.97 6.87 -7.60
C TYR A 245 -13.45 7.64 -8.82
N ARG A 246 -13.61 6.97 -9.96
CA ARG A 246 -14.00 7.65 -11.18
C ARG A 246 -15.40 8.25 -11.06
N SER A 247 -16.33 7.51 -10.44
CA SER A 247 -17.65 8.09 -10.17
C SER A 247 -17.55 9.26 -9.21
N LEU A 248 -16.64 9.17 -8.24
CA LEU A 248 -16.44 10.26 -7.29
C LEU A 248 -15.87 11.49 -7.98
N SER A 249 -14.69 11.36 -8.60
CA SER A 249 -14.01 12.49 -9.20
C SER A 249 -14.74 13.04 -10.42
N PHE A 250 -15.72 12.32 -10.97
CA PHE A 250 -16.50 12.85 -12.08
C PHE A 250 -17.33 14.06 -11.67
N GLN A 251 -17.63 14.21 -10.38
CA GLN A 251 -18.32 15.39 -9.88
C GLN A 251 -17.31 16.48 -9.58
N PRO A 252 -17.34 17.62 -10.28
CA PRO A 252 -16.33 18.66 -10.03
C PRO A 252 -16.29 19.14 -8.58
N GLU A 253 -17.44 19.20 -7.91
CA GLU A 253 -17.45 19.58 -6.50
C GLU A 253 -16.69 18.56 -5.65
N ASN A 254 -16.65 17.30 -6.08
CA ASN A 254 -15.86 16.30 -5.37
C ASN A 254 -14.37 16.40 -5.72
N SER A 255 -14.07 16.55 -7.01
CA SER A 255 -12.68 16.70 -7.44
C SER A 255 -12.03 17.95 -6.86
N MET A 256 -12.83 18.96 -6.50
CA MET A 256 -12.31 20.15 -5.87
C MET A 256 -11.69 19.85 -4.51
N LYS A 257 -12.17 18.79 -3.84
CA LYS A 257 -11.72 18.47 -2.50
C LYS A 257 -10.51 17.52 -2.48
N LEU A 258 -10.10 17.01 -3.63
CA LEU A 258 -8.91 16.16 -3.69
C LEU A 258 -7.66 17.02 -3.72
N THR A 259 -6.50 16.36 -3.72
CA THR A 259 -5.22 17.05 -3.83
C THR A 259 -4.66 16.88 -5.23
N PRO A 260 -3.70 17.73 -5.63
CA PRO A 260 -3.12 17.57 -6.96
C PRO A 260 -2.35 16.27 -7.15
N LEU A 261 -1.69 15.74 -6.12
CA LEU A 261 -0.98 14.47 -6.27
C LEU A 261 -1.96 13.31 -6.45
N VAL A 262 -3.08 13.34 -5.72
CA VAL A 262 -4.10 12.31 -5.85
C VAL A 262 -4.66 12.31 -7.27
N LEU A 263 -4.86 13.49 -7.85
CA LEU A 263 -5.39 13.58 -9.21
C LEU A 263 -4.38 13.07 -10.23
N GLU A 264 -3.09 13.34 -10.01
CA GLU A 264 -2.07 12.85 -10.93
C GLU A 264 -1.98 11.33 -10.90
N VAL A 265 -2.08 10.74 -9.70
CA VAL A 265 -1.84 9.31 -9.56
C VAL A 265 -3.08 8.51 -9.93
N PHE A 266 -4.23 8.87 -9.36
CA PHE A 266 -5.44 8.09 -9.55
C PHE A 266 -6.24 8.53 -10.76
N GLY A 267 -5.99 9.72 -11.31
CA GLY A 267 -6.68 10.15 -12.50
C GLY A 267 -7.51 11.41 -12.32
N ASN A 268 -7.72 12.15 -13.39
CA ASN A 268 -8.48 13.39 -13.35
C ASN A 268 -9.80 13.23 -14.10
N ASN B 2 3.39 14.92 -18.11
CA ASN B 2 2.37 13.91 -17.86
C ASN B 2 2.22 13.64 -16.36
N HIS B 3 3.33 13.33 -15.71
CA HIS B 3 3.36 13.03 -14.27
C HIS B 3 4.49 13.80 -13.59
N PRO B 4 4.40 15.13 -13.56
CA PRO B 4 5.53 15.91 -13.03
C PRO B 4 5.75 15.76 -11.53
N MET B 5 4.67 15.60 -10.75
CA MET B 5 4.84 15.48 -9.30
C MET B 5 5.37 14.10 -8.94
N LEU B 6 4.92 13.05 -9.63
CA LEU B 6 5.46 11.72 -9.41
C LEU B 6 6.93 11.65 -9.78
N MET B 7 7.31 12.32 -10.88
CA MET B 7 8.71 12.32 -11.30
C MET B 7 9.60 13.04 -10.29
N ASN B 8 9.11 14.16 -9.75
CA ASN B 8 9.89 14.91 -8.77
C ASN B 8 10.14 14.09 -7.50
N LEU B 9 9.10 13.40 -7.03
CA LEU B 9 9.26 12.54 -5.86
C LEU B 9 10.15 11.34 -6.16
N LEU B 10 10.21 10.91 -7.42
CA LEU B 10 11.04 9.77 -7.79
C LEU B 10 12.51 10.14 -7.95
N LYS B 11 12.81 11.41 -8.22
CA LYS B 11 14.18 11.86 -8.39
C LYS B 11 14.91 11.90 -7.04
C13 A1MAW C . -5.63 4.62 5.45
C15 A1MAW C . -8.99 5.05 0.26
C17 A1MAW C . -9.75 7.20 -0.60
C20 A1MAW C . -5.52 4.32 6.81
C21 A1MAW C . -4.37 4.68 7.52
C22 A1MAW C . -3.32 5.34 6.87
C24 A1MAW C . -4.57 5.28 4.79
C28 A1MAW C . -2.01 4.92 8.75
B02 A1MAW C . -6.90 4.50 3.00
B04 A1MAW C . -7.92 5.44 4.11
B05 A1MAW C . -8.40 4.39 5.44
B06 A1MAW C . -9.38 3.06 4.79
B07 A1MAW C . -7.67 2.80 5.16
B08 A1MAW C . -6.75 2.87 3.65
B09 A1MAW C . -7.88 3.17 2.33
B10 A1MAW C . -9.50 3.30 3.05
B11 A1MAW C . -8.36 2.12 3.68
B12 A1MAW C . -9.53 4.71 4.13
C01 A1MAW C . -6.86 4.23 4.68
C03 A1MAW C . -8.57 4.69 2.73
C14 A1MAW C . -8.98 5.57 1.57
C16 A1MAW C . -9.37 5.86 -0.81
C18 A1MAW C . -9.74 7.72 0.70
C19 A1MAW C . -9.36 6.90 1.79
C23 A1MAW C . -3.43 5.64 5.51
C25 A1MAW C . -10.15 8.07 -1.84
C29 A1MAW C . -1.46 3.52 8.41
C31 A1MAW C . -11.19 9.16 -1.50
C35 A1MAW C . -8.86 8.69 -2.41
F32 A1MAW C . -10.64 10.15 -0.75
F33 A1MAW C . -12.25 8.61 -0.82
F34 A1MAW C . -11.67 9.72 -2.65
F36 A1MAW C . -8.06 7.69 -2.89
F37 A1MAW C . -9.17 9.53 -3.45
F38 A1MAW C . -8.20 9.38 -1.44
O26 A1MAW C . -10.68 7.22 -2.84
O27 A1MAW C . -2.15 5.70 7.58
O30 A1MAW C . -1.39 2.64 9.30
O39 A1MAW C . -1.08 3.25 7.24
#